data_8WFK
#
_entry.id   8WFK
#
_cell.length_a   1.00
_cell.length_b   1.00
_cell.length_c   1.00
_cell.angle_alpha   90.00
_cell.angle_beta   90.00
_cell.angle_gamma   90.00
#
_symmetry.space_group_name_H-M   'P 1'
#
loop_
_entity.id
_entity.type
_entity.pdbx_description
1 polymer 'Sodium- and chloride-dependent glycine transporter 1'
2 non-polymer SSR504734
3 non-polymer 'CHLORIDE ION'
4 non-polymer 'SODIUM ION'
#
_entity_poly.entity_id   1
_entity_poly.type   'polypeptide(L)'
_entity_poly.pdbx_seq_one_letter_code
;MSGGDTRAAIARPRMAAAHGPVAPSSPEQNGAVPSEATKRDQNLKRGNWGNQIEFVLTSVGYAVGLGNVWRFPYLCYRNG
GGAFMFPYFIMLIFCGIPLFFMELSFGQFASQGCLGVWRISPMFKGVGYGMMVVSTYIGIYYNVVICIAFYYFFSSMTHV
LPWAYCNNPWNTHDCAGVLDASNLTNGSRPAALPSNLSHLLNHSLQRTSPSEEYWRLYVLKLSDDIGNFGEVRLPLLGCL
GVSWLVVFLCLIRGVKSSGKVVYFTATFPYVVLTILFVRGVTLEGAFDGIMYYLTPQWDKILEAKVWGDAASQIFYSLGC
AWGGLITMASYNKFHNNCYRDSVIISITNCATSVYAGFVIFSILGFMANHLGVDVSRVADHGPGLAFVAYPEALTLLPIS
PLWSLLFFFMLILLGLGTQFCLLETLVTAIVDEVGNEWILQKKTYVTLGVAVAGFLLGIPLTSQAGIYWLLLMDNYAASF
SLVVISCIMCVAIMYIYGHRNYFQDIQMMLGFPPPLFFQICWRFVSPAIIFFILVFTVIQYQPITYNHYQYPGWAVAIGF
LMALSSVLCIPLYAMFRLCRTDGDTLLQRLKNATKPSRDWGPALLEHRTGRYAPTIAPSPEDGFEVQPLHPDKAQIPIVG
SNGSSRLQDSRI
;
_entity_poly.pdbx_strand_id   A
#
# COMPACT_ATOMS: atom_id res chain seq x y z
N LEU A 44 -0.80 -28.73 -10.88
CA LEU A 44 0.15 -29.83 -10.81
C LEU A 44 1.58 -29.30 -10.77
N LYS A 45 1.83 -28.24 -11.54
CA LYS A 45 3.15 -27.62 -11.62
C LYS A 45 3.11 -26.17 -11.15
N ARG A 46 2.19 -25.86 -10.22
CA ARG A 46 2.05 -24.48 -9.75
C ARG A 46 3.30 -24.01 -9.03
N GLY A 47 3.88 -24.86 -8.19
CA GLY A 47 5.11 -24.52 -7.49
C GLY A 47 4.85 -23.87 -6.14
N ASN A 48 5.88 -23.89 -5.31
CA ASN A 48 5.84 -23.32 -3.97
C ASN A 48 7.04 -22.40 -3.76
N TRP A 49 7.07 -21.77 -2.59
CA TRP A 49 8.15 -20.84 -2.28
C TRP A 49 9.48 -21.58 -2.11
N GLY A 50 9.54 -22.50 -1.16
CA GLY A 50 10.74 -23.27 -0.92
C GLY A 50 11.33 -23.03 0.45
N ASN A 51 11.37 -21.77 0.87
CA ASN A 51 11.85 -21.39 2.19
C ASN A 51 10.84 -20.46 2.85
N GLN A 52 10.62 -20.66 4.15
CA GLN A 52 9.73 -19.76 4.89
C GLN A 52 10.29 -18.35 4.92
N ILE A 53 11.62 -18.22 4.97
CA ILE A 53 12.26 -16.91 5.01
C ILE A 53 11.89 -16.10 3.77
N GLU A 54 11.79 -16.77 2.61
CA GLU A 54 11.40 -16.07 1.39
C GLU A 54 10.01 -15.47 1.54
N PHE A 55 9.06 -16.25 2.06
CA PHE A 55 7.69 -15.76 2.22
C PHE A 55 7.64 -14.61 3.22
N VAL A 56 8.33 -14.74 4.35
CA VAL A 56 8.29 -13.68 5.36
C VAL A 56 8.90 -12.40 4.82
N LEU A 57 10.03 -12.52 4.11
CA LEU A 57 10.69 -11.34 3.57
C LEU A 57 9.85 -10.68 2.48
N THR A 58 9.22 -11.49 1.62
CA THR A 58 8.37 -10.93 0.57
C THR A 58 7.18 -10.20 1.17
N SER A 59 6.54 -10.79 2.19
CA SER A 59 5.41 -10.12 2.81
C SER A 59 5.84 -8.86 3.55
N VAL A 60 7.01 -8.88 4.19
CA VAL A 60 7.51 -7.67 4.85
C VAL A 60 7.77 -6.57 3.84
N GLY A 61 8.39 -6.91 2.71
CA GLY A 61 8.64 -5.94 1.67
C GLY A 61 7.42 -5.45 0.93
N TYR A 62 6.34 -6.24 0.91
CA TYR A 62 5.08 -5.83 0.32
C TYR A 62 4.23 -4.96 1.24
N ALA A 63 4.17 -5.29 2.53
CA ALA A 63 3.39 -4.49 3.46
C ALA A 63 4.06 -3.15 3.75
N VAL A 64 5.37 -3.15 3.95
CA VAL A 64 6.11 -1.94 4.25
C VAL A 64 6.36 -1.19 2.94
N GLY A 65 5.64 -0.08 2.75
CA GLY A 65 5.79 0.72 1.56
C GLY A 65 6.21 2.13 1.86
N LEU A 66 5.73 3.09 1.05
CA LEU A 66 6.06 4.49 1.25
C LEU A 66 5.16 5.18 2.26
N GLY A 67 4.16 4.48 2.79
CA GLY A 67 3.26 5.04 3.77
C GLY A 67 3.76 5.04 5.20
N ASN A 68 4.89 4.38 5.47
CA ASN A 68 5.49 4.39 6.80
C ASN A 68 6.56 5.45 6.96
N VAL A 69 6.85 6.22 5.90
CA VAL A 69 7.89 7.22 5.96
C VAL A 69 7.35 8.65 6.03
N TRP A 70 6.34 8.98 5.22
CA TRP A 70 5.81 10.33 5.19
C TRP A 70 4.44 10.49 5.83
N ARG A 71 3.70 9.41 6.05
CA ARG A 71 2.36 9.50 6.63
C ARG A 71 2.40 9.46 8.15
N PHE A 72 3.03 8.43 8.71
CA PHE A 72 2.97 8.21 10.16
C PHE A 72 3.58 9.34 10.99
N PRO A 73 4.78 9.85 10.70
CA PRO A 73 5.34 10.91 11.57
C PRO A 73 4.47 12.13 11.70
N TYR A 74 3.86 12.59 10.60
CA TYR A 74 3.01 13.78 10.68
C TYR A 74 1.75 13.50 11.51
N LEU A 75 1.17 12.30 11.34
CA LEU A 75 0.01 11.93 12.15
C LEU A 75 0.37 11.88 13.63
N CYS A 76 1.54 11.33 13.96
CA CYS A 76 1.97 11.30 15.35
C CYS A 76 2.16 12.71 15.90
N TYR A 77 2.78 13.60 15.12
CA TYR A 77 3.00 14.97 15.58
C TYR A 77 1.67 15.69 15.80
N ARG A 78 0.71 15.49 14.89
CA ARG A 78 -0.52 16.27 14.95
C ARG A 78 -1.48 15.74 16.00
N ASN A 79 -1.76 14.43 15.99
CA ASN A 79 -2.81 13.86 16.81
C ASN A 79 -2.25 13.26 18.10
N GLY A 80 -1.81 14.14 19.00
CA GLY A 80 -1.47 13.78 20.37
C GLY A 80 0.01 13.83 20.69
N GLY A 81 0.85 13.40 19.76
CA GLY A 81 2.28 13.34 20.02
C GLY A 81 2.73 11.95 20.42
N GLY A 82 3.07 11.78 21.70
CA GLY A 82 3.46 10.47 22.20
C GLY A 82 2.28 9.69 22.72
N ALA A 83 1.11 10.34 22.76
CA ALA A 83 -0.12 9.71 23.21
C ALA A 83 -0.93 9.12 22.06
N PHE A 84 -0.45 9.23 20.83
CA PHE A 84 -1.07 8.60 19.68
C PHE A 84 -0.76 7.11 19.58
N MET A 85 0.30 6.66 20.24
CA MET A 85 0.67 5.25 20.22
C MET A 85 -0.30 4.37 20.99
N PHE A 86 -0.99 4.91 22.00
CA PHE A 86 -2.01 4.14 22.70
C PHE A 86 -3.16 3.79 21.76
N PRO A 87 -3.77 4.74 21.04
CA PRO A 87 -4.75 4.34 20.02
C PRO A 87 -4.14 3.59 18.86
N TYR A 88 -2.86 3.80 18.57
CA TYR A 88 -2.24 3.10 17.44
C TYR A 88 -2.11 1.61 17.74
N PHE A 89 -1.64 1.25 18.93
CA PHE A 89 -1.36 -0.14 19.27
C PHE A 89 -2.53 -0.85 19.94
N ILE A 90 -3.61 -0.13 20.27
CA ILE A 90 -4.81 -0.80 20.75
C ILE A 90 -5.71 -1.21 19.58
N MET A 91 -5.75 -0.41 18.52
CA MET A 91 -6.54 -0.72 17.34
C MET A 91 -5.77 -1.57 16.33
N LEU A 92 -4.53 -1.93 16.65
CA LEU A 92 -3.77 -2.90 15.86
C LEU A 92 -3.97 -4.33 16.33
N ILE A 93 -4.09 -4.53 17.65
CA ILE A 93 -4.36 -5.86 18.18
C ILE A 93 -5.76 -6.36 17.82
N PHE A 94 -6.76 -5.49 17.81
CA PHE A 94 -8.14 -5.88 17.59
C PHE A 94 -8.61 -5.72 16.14
N CYS A 95 -7.81 -5.10 15.28
CA CYS A 95 -8.19 -4.87 13.90
C CYS A 95 -7.12 -5.23 12.88
N GLY A 96 -5.85 -5.22 13.24
CA GLY A 96 -4.80 -5.48 12.28
C GLY A 96 -4.39 -6.94 12.17
N ILE A 97 -4.21 -7.59 13.31
CA ILE A 97 -3.77 -8.99 13.35
C ILE A 97 -4.90 -9.93 12.95
N PRO A 98 -6.14 -9.80 13.45
CA PRO A 98 -7.20 -10.72 13.02
C PRO A 98 -7.44 -10.71 11.52
N LEU A 99 -7.45 -9.53 10.88
CA LEU A 99 -7.69 -9.47 9.44
C LEU A 99 -6.55 -10.11 8.66
N PHE A 100 -5.31 -9.83 9.06
CA PHE A 100 -4.15 -10.44 8.43
C PHE A 100 -4.19 -11.95 8.55
N PHE A 101 -4.49 -12.45 9.75
CA PHE A 101 -4.57 -13.90 9.96
C PHE A 101 -5.68 -14.52 9.13
N MET A 102 -6.85 -13.88 9.08
CA MET A 102 -7.97 -14.45 8.34
C MET A 102 -7.66 -14.50 6.84
N GLU A 103 -7.07 -13.43 6.30
CA GLU A 103 -6.71 -13.43 4.89
C GLU A 103 -5.64 -14.49 4.58
N LEU A 104 -4.62 -14.59 5.44
CA LEU A 104 -3.57 -15.58 5.21
C LEU A 104 -4.10 -17.00 5.28
N SER A 105 -5.00 -17.29 6.23
CA SER A 105 -5.58 -18.63 6.33
C SER A 105 -6.54 -18.92 5.20
N PHE A 106 -7.25 -17.89 4.71
CA PHE A 106 -8.14 -18.08 3.58
C PHE A 106 -7.37 -18.39 2.30
N GLY A 107 -6.26 -17.69 2.09
CA GLY A 107 -5.46 -17.93 0.89
C GLY A 107 -4.80 -19.29 0.88
N GLN A 108 -4.30 -19.74 2.04
CA GLN A 108 -3.48 -20.95 2.09
C GLN A 108 -4.32 -22.21 1.94
N PHE A 109 -5.57 -22.20 2.45
CA PHE A 109 -6.39 -23.41 2.43
C PHE A 109 -6.62 -23.89 1.00
N ALA A 110 -7.31 -23.09 0.20
CA ALA A 110 -7.47 -23.37 -1.22
C ALA A 110 -6.34 -22.68 -1.97
N SER A 111 -5.45 -23.47 -2.58
CA SER A 111 -4.26 -22.94 -3.22
C SER A 111 -4.66 -22.26 -4.53
N GLN A 112 -5.26 -21.08 -4.38
CA GLN A 112 -5.75 -20.31 -5.51
C GLN A 112 -5.50 -18.83 -5.24
N GLY A 113 -5.47 -18.05 -6.31
CA GLY A 113 -5.22 -16.62 -6.21
C GLY A 113 -6.37 -15.85 -5.62
N CYS A 114 -6.45 -14.57 -5.95
CA CYS A 114 -7.49 -13.71 -5.42
C CYS A 114 -8.84 -13.90 -6.10
N LEU A 115 -8.89 -14.73 -7.16
CA LEU A 115 -10.12 -14.94 -7.91
C LEU A 115 -10.63 -16.37 -7.84
N GLY A 116 -9.80 -17.34 -7.45
CA GLY A 116 -10.22 -18.73 -7.45
C GLY A 116 -10.59 -19.27 -6.08
N VAL A 117 -10.41 -18.45 -5.03
CA VAL A 117 -10.75 -18.88 -3.68
C VAL A 117 -12.21 -18.67 -3.35
N TRP A 118 -12.97 -18.02 -4.22
CA TRP A 118 -14.39 -17.74 -3.96
C TRP A 118 -15.27 -18.90 -4.40
N ARG A 119 -14.95 -20.11 -3.94
CA ARG A 119 -15.79 -21.27 -4.12
C ARG A 119 -16.67 -21.56 -2.92
N ILE A 120 -16.47 -20.84 -1.81
CA ILE A 120 -17.36 -20.97 -0.66
C ILE A 120 -18.74 -20.42 -0.99
N SER A 121 -18.81 -19.36 -1.79
CA SER A 121 -20.07 -18.78 -2.22
C SER A 121 -19.85 -18.23 -3.62
N PRO A 122 -20.19 -18.99 -4.66
CA PRO A 122 -19.89 -18.55 -6.03
C PRO A 122 -20.58 -17.27 -6.43
N MET A 123 -21.68 -16.90 -5.77
CA MET A 123 -22.36 -15.66 -6.11
C MET A 123 -21.57 -14.44 -5.67
N PHE A 124 -20.83 -14.54 -4.57
CA PHE A 124 -20.03 -13.45 -4.06
C PHE A 124 -18.70 -13.27 -4.79
N LYS A 125 -18.52 -13.90 -5.95
CA LYS A 125 -17.25 -13.76 -6.67
C LYS A 125 -17.01 -12.34 -7.17
N GLY A 126 -18.05 -11.49 -7.20
CA GLY A 126 -17.85 -10.10 -7.55
C GLY A 126 -16.91 -9.38 -6.63
N VAL A 127 -16.71 -9.88 -5.41
CA VAL A 127 -15.68 -9.33 -4.53
C VAL A 127 -14.30 -9.53 -5.15
N GLY A 128 -14.05 -10.72 -5.68
CA GLY A 128 -12.74 -10.99 -6.29
C GLY A 128 -12.44 -10.06 -7.45
N TYR A 129 -13.42 -9.89 -8.35
CA TYR A 129 -13.26 -8.92 -9.43
C TYR A 129 -13.12 -7.50 -8.91
N GLY A 130 -13.63 -7.22 -7.71
CA GLY A 130 -13.40 -5.94 -7.09
C GLY A 130 -12.00 -5.76 -6.54
N MET A 131 -11.29 -6.87 -6.29
CA MET A 131 -9.92 -6.81 -5.82
C MET A 131 -8.92 -6.61 -6.95
N MET A 132 -9.33 -6.82 -8.20
CA MET A 132 -8.44 -6.64 -9.34
C MET A 132 -8.58 -5.27 -9.99
N VAL A 133 -9.74 -4.65 -9.93
CA VAL A 133 -9.89 -3.29 -10.45
C VAL A 133 -9.06 -2.32 -9.61
N VAL A 134 -9.22 -2.37 -8.29
CA VAL A 134 -8.49 -1.47 -7.41
C VAL A 134 -6.98 -1.69 -7.55
N SER A 135 -6.56 -2.95 -7.55
CA SER A 135 -5.15 -3.26 -7.74
C SER A 135 -4.63 -2.78 -9.09
N THR A 136 -5.52 -2.54 -10.05
CA THR A 136 -5.10 -1.93 -11.30
C THR A 136 -4.72 -0.46 -11.09
N TYR A 137 -5.58 0.28 -10.37
CA TYR A 137 -5.32 1.70 -10.16
C TYR A 137 -4.01 1.90 -9.41
N ILE A 138 -3.85 1.21 -8.27
CA ILE A 138 -2.61 1.30 -7.51
C ILE A 138 -1.41 0.76 -8.29
N GLY A 139 -1.65 0.07 -9.40
CA GLY A 139 -0.58 -0.37 -10.27
C GLY A 139 -0.25 0.57 -11.39
N ILE A 140 -1.02 1.63 -11.58
CA ILE A 140 -0.82 2.58 -12.67
C ILE A 140 -0.14 3.86 -12.18
N TYR A 141 -0.66 4.46 -11.11
CA TYR A 141 -0.14 5.72 -10.60
C TYR A 141 0.99 5.53 -9.59
N TYR A 142 1.29 4.29 -9.19
CA TYR A 142 2.41 4.07 -8.30
C TYR A 142 3.75 4.15 -9.02
N ASN A 143 3.80 3.73 -10.29
CA ASN A 143 5.03 3.81 -11.06
C ASN A 143 5.35 5.23 -11.49
N VAL A 144 4.36 6.12 -11.54
CA VAL A 144 4.63 7.52 -11.81
C VAL A 144 5.27 8.22 -10.63
N VAL A 145 5.02 7.73 -9.41
CA VAL A 145 5.72 8.26 -8.23
C VAL A 145 7.18 7.82 -8.25
N ILE A 146 7.52 6.85 -9.10
CA ILE A 146 8.87 6.30 -9.08
C ILE A 146 9.82 7.15 -9.93
N CYS A 147 9.25 8.06 -10.68
CA CYS A 147 10.12 9.04 -11.34
C CYS A 147 10.73 9.98 -10.28
N ILE A 148 9.97 10.59 -9.38
CA ILE A 148 10.50 11.56 -8.43
C ILE A 148 11.44 10.91 -7.43
N ALA A 149 11.51 9.57 -7.42
CA ALA A 149 12.58 8.86 -6.75
C ALA A 149 13.70 8.47 -7.71
N PHE A 150 13.38 8.12 -8.96
CA PHE A 150 14.43 7.81 -9.94
C PHE A 150 15.05 9.08 -10.52
N TYR A 151 14.25 10.07 -10.89
CA TYR A 151 14.79 11.28 -11.48
C TYR A 151 15.67 12.02 -10.48
N TYR A 152 15.23 12.12 -9.23
CA TYR A 152 16.04 12.76 -8.20
C TYR A 152 17.31 11.97 -7.92
N PHE A 153 17.21 10.63 -7.94
CA PHE A 153 18.39 9.79 -7.74
C PHE A 153 19.41 10.00 -8.84
N PHE A 154 18.96 10.08 -10.10
CA PHE A 154 19.87 10.28 -11.21
C PHE A 154 20.41 11.69 -11.29
N SER A 155 19.67 12.68 -10.77
CA SER A 155 20.12 14.06 -10.78
C SER A 155 20.94 14.41 -9.54
N SER A 156 21.12 13.48 -8.61
CA SER A 156 21.88 13.72 -7.40
C SER A 156 23.33 13.26 -7.49
N MET A 157 23.75 12.72 -8.64
CA MET A 157 25.12 12.30 -8.84
C MET A 157 25.99 13.43 -9.35
N THR A 158 25.98 14.55 -8.63
CA THR A 158 26.71 15.75 -9.00
C THR A 158 27.47 16.27 -7.78
N HIS A 159 28.61 16.91 -8.05
CA HIS A 159 29.43 17.50 -7.00
C HIS A 159 28.73 18.65 -6.29
N VAL A 160 27.72 19.25 -6.91
CA VAL A 160 26.91 20.30 -6.29
C VAL A 160 25.45 19.99 -6.56
N LEU A 161 24.64 19.98 -5.50
CA LEU A 161 23.23 19.67 -5.65
C LEU A 161 22.54 20.75 -6.47
N PRO A 162 21.79 20.39 -7.51
CA PRO A 162 21.17 21.42 -8.36
C PRO A 162 20.15 22.28 -7.66
N TRP A 163 19.59 21.83 -6.54
CA TRP A 163 18.56 22.58 -5.83
C TRP A 163 19.08 23.28 -4.57
N ALA A 164 20.39 23.50 -4.49
CA ALA A 164 20.97 24.13 -3.31
C ALA A 164 20.85 25.65 -3.37
N TYR A 165 21.46 26.26 -4.38
CA TYR A 165 21.54 27.71 -4.50
C TYR A 165 20.45 28.24 -5.43
N CYS A 166 19.96 29.43 -5.13
CA CYS A 166 18.90 30.07 -5.92
C CYS A 166 19.52 31.08 -6.87
N ASN A 167 20.14 30.57 -7.93
CA ASN A 167 20.64 31.43 -9.00
C ASN A 167 20.39 30.84 -10.38
N ASN A 168 19.64 29.74 -10.48
CA ASN A 168 19.35 29.14 -11.76
C ASN A 168 18.38 30.01 -12.55
N PRO A 169 18.37 29.90 -13.88
CA PRO A 169 17.50 30.79 -14.68
C PRO A 169 16.02 30.53 -14.48
N TRP A 170 15.62 29.38 -13.94
CA TRP A 170 14.21 29.06 -13.78
C TRP A 170 13.62 29.59 -12.49
N ASN A 171 14.36 30.39 -11.73
CA ASN A 171 13.90 30.86 -10.43
C ASN A 171 13.16 32.20 -10.55
N THR A 172 12.58 32.61 -9.43
CA THR A 172 11.82 33.85 -9.33
C THR A 172 12.49 34.78 -8.33
N HIS A 173 11.82 35.89 -8.03
CA HIS A 173 12.40 36.88 -7.12
C HIS A 173 12.40 36.36 -5.68
N ASP A 174 11.48 35.44 -5.36
CA ASP A 174 11.41 34.83 -4.03
C ASP A 174 12.23 33.54 -4.03
N CYS A 175 13.56 33.70 -3.94
CA CYS A 175 14.47 32.57 -3.81
C CYS A 175 15.00 32.41 -2.40
N ALA A 176 14.48 33.19 -1.44
CA ALA A 176 15.02 33.24 -0.09
C ALA A 176 15.17 31.85 0.51
N GLY A 177 16.41 31.47 0.80
CA GLY A 177 16.70 30.18 1.38
C GLY A 177 17.66 30.26 2.56
N VAL A 178 18.38 29.18 2.81
CA VAL A 178 19.31 29.11 3.94
C VAL A 178 20.76 29.05 3.46
N LEU A 179 21.02 28.34 2.38
CA LEU A 179 22.38 28.14 1.89
C LEU A 179 22.88 29.26 1.00
N ASP A 180 22.08 30.31 0.78
CA ASP A 180 22.51 31.42 -0.05
C ASP A 180 23.70 32.13 0.59
N ALA A 181 24.82 32.15 -0.13
CA ALA A 181 26.04 32.76 0.38
C ALA A 181 25.93 34.28 0.37
N ARG A 207 9.24 34.31 1.80
CA ARG A 207 10.07 33.12 1.96
C ARG A 207 9.62 32.00 1.04
N THR A 208 10.53 31.55 0.18
CA THR A 208 10.27 30.42 -0.72
C THR A 208 11.58 29.65 -0.86
N SER A 209 11.59 28.41 -0.37
CA SER A 209 12.78 27.60 -0.41
C SER A 209 13.18 27.32 -1.87
N PRO A 210 14.47 27.13 -2.13
CA PRO A 210 14.91 26.82 -3.49
C PRO A 210 14.79 25.35 -3.87
N SER A 211 14.07 24.56 -3.07
CA SER A 211 13.70 23.20 -3.43
C SER A 211 12.27 23.10 -3.92
N GLU A 212 11.40 24.02 -3.49
CA GLU A 212 10.04 24.04 -4.00
C GLU A 212 9.99 24.60 -5.42
N GLU A 213 10.78 25.64 -5.70
CA GLU A 213 10.85 26.17 -7.06
C GLU A 213 11.40 25.13 -8.03
N TYR A 214 12.43 24.39 -7.60
CA TYR A 214 12.93 23.29 -8.42
C TYR A 214 11.87 22.21 -8.60
N TRP A 215 11.12 21.92 -7.54
CA TRP A 215 10.10 20.88 -7.61
C TRP A 215 8.97 21.23 -8.58
N ARG A 216 8.48 22.47 -8.53
CA ARG A 216 7.27 22.82 -9.27
C ARG A 216 7.53 23.66 -10.52
N LEU A 217 8.79 23.99 -10.82
CA LEU A 217 9.08 24.81 -11.99
C LEU A 217 10.12 24.20 -12.92
N TYR A 218 10.86 23.18 -12.50
CA TYR A 218 11.80 22.53 -13.39
C TYR A 218 11.56 21.03 -13.51
N VAL A 219 11.24 20.35 -12.41
CA VAL A 219 10.96 18.92 -12.48
C VAL A 219 9.62 18.68 -13.17
N LEU A 220 8.58 19.40 -12.74
CA LEU A 220 7.27 19.34 -13.37
C LEU A 220 6.69 20.74 -13.41
N LYS A 221 6.41 21.24 -14.61
CA LYS A 221 5.92 22.60 -14.78
C LYS A 221 4.41 22.59 -14.56
N LEU A 222 4.00 22.83 -13.32
CA LEU A 222 2.61 22.75 -12.95
C LEU A 222 1.79 23.82 -13.67
N SER A 223 0.63 23.41 -14.18
CA SER A 223 -0.28 24.32 -14.86
C SER A 223 -1.32 24.83 -13.87
N ASP A 224 -2.32 25.56 -14.37
CA ASP A 224 -3.31 26.20 -13.51
C ASP A 224 -4.67 25.50 -13.54
N ASP A 225 -4.77 24.33 -14.17
CA ASP A 225 -6.03 23.60 -14.20
C ASP A 225 -5.75 22.12 -14.40
N ILE A 226 -6.66 21.28 -13.90
CA ILE A 226 -6.51 19.84 -14.05
C ILE A 226 -6.66 19.42 -15.51
N GLY A 227 -7.53 20.09 -16.27
CA GLY A 227 -7.72 19.78 -17.67
C GLY A 227 -6.91 20.69 -18.56
N ASN A 228 -5.65 20.92 -18.21
CA ASN A 228 -4.77 21.84 -18.92
C ASN A 228 -3.44 21.17 -19.24
N PHE A 229 -3.51 19.96 -19.81
CA PHE A 229 -2.30 19.30 -20.27
C PHE A 229 -1.63 20.14 -21.35
N GLY A 230 -0.31 20.33 -21.22
CA GLY A 230 0.40 21.15 -22.18
C GLY A 230 1.43 20.41 -22.99
N GLU A 231 2.09 19.42 -22.39
CA GLU A 231 3.09 18.62 -23.06
C GLU A 231 3.54 17.50 -22.13
N VAL A 232 4.05 16.42 -22.72
CA VAL A 232 4.59 15.31 -21.93
C VAL A 232 6.02 15.63 -21.53
N ARG A 233 6.35 15.36 -20.27
CA ARG A 233 7.70 15.62 -19.76
C ARG A 233 8.57 14.40 -20.06
N LEU A 234 9.42 14.54 -21.07
CA LEU A 234 10.26 13.42 -21.50
C LEU A 234 11.15 12.84 -20.41
N PRO A 235 11.79 13.63 -19.54
CA PRO A 235 12.59 13.02 -18.46
C PRO A 235 11.78 12.11 -17.54
N LEU A 236 10.45 12.27 -17.50
CA LEU A 236 9.62 11.36 -16.72
C LEU A 236 9.22 10.11 -17.49
N LEU A 237 8.96 10.26 -18.79
CA LEU A 237 8.76 9.09 -19.64
C LEU A 237 9.99 8.19 -19.60
N GLY A 238 11.18 8.78 -19.49
CA GLY A 238 12.37 7.97 -19.30
C GLY A 238 12.32 7.14 -18.04
N CYS A 239 12.04 7.75 -16.88
CA CYS A 239 11.93 6.86 -15.69
C CYS A 239 10.86 5.79 -15.93
N LEU A 240 9.70 6.11 -16.51
CA LEU A 240 8.64 5.11 -16.61
C LEU A 240 9.11 3.93 -17.44
N GLY A 241 9.82 4.21 -18.54
CA GLY A 241 10.40 3.14 -19.32
C GLY A 241 11.39 2.31 -18.51
N VAL A 242 12.31 2.98 -17.82
CA VAL A 242 13.33 2.26 -17.05
C VAL A 242 12.68 1.42 -15.94
N SER A 243 11.70 2.00 -15.25
CA SER A 243 11.09 1.34 -14.10
C SER A 243 10.25 0.15 -14.53
N TRP A 244 9.47 0.29 -15.61
CA TRP A 244 8.71 -0.86 -16.08
C TRP A 244 9.64 -1.93 -16.63
N LEU A 245 10.75 -1.55 -17.26
CA LEU A 245 11.73 -2.54 -17.69
C LEU A 245 12.28 -3.31 -16.49
N VAL A 246 12.62 -2.60 -15.41
CA VAL A 246 13.16 -3.26 -14.22
C VAL A 246 12.11 -4.18 -13.60
N VAL A 247 10.87 -3.71 -13.51
CA VAL A 247 9.81 -4.52 -12.90
C VAL A 247 9.57 -5.80 -13.71
N PHE A 248 9.52 -5.68 -15.04
CA PHE A 248 9.35 -6.88 -15.86
C PHE A 248 10.54 -7.81 -15.75
N LEU A 249 11.76 -7.26 -15.79
CA LEU A 249 12.96 -8.08 -15.76
C LEU A 249 13.18 -8.75 -14.40
N CYS A 250 12.55 -8.24 -13.34
CA CYS A 250 12.65 -8.85 -12.04
C CYS A 250 11.59 -9.91 -11.78
N LEU A 251 10.63 -10.07 -12.68
CA LEU A 251 9.58 -11.07 -12.58
C LEU A 251 9.58 -11.99 -13.80
N ILE A 252 10.77 -12.33 -14.29
CA ILE A 252 10.86 -13.13 -15.51
C ILE A 252 10.52 -14.59 -15.27
N ARG A 253 10.52 -15.06 -14.02
CA ARG A 253 10.10 -16.42 -13.70
C ARG A 253 9.06 -16.50 -12.60
N GLY A 254 8.81 -15.43 -11.87
CA GLY A 254 7.77 -15.43 -10.85
C GLY A 254 8.30 -15.84 -9.49
N VAL A 255 7.70 -16.87 -8.89
CA VAL A 255 8.05 -17.28 -7.53
C VAL A 255 9.52 -17.68 -7.46
N LYS A 256 10.02 -18.36 -8.48
CA LYS A 256 11.41 -18.79 -8.50
C LYS A 256 12.38 -17.67 -8.85
N SER A 257 11.87 -16.49 -9.21
CA SER A 257 12.73 -15.35 -9.54
C SER A 257 12.61 -14.22 -8.52
N SER A 258 11.39 -13.81 -8.16
CA SER A 258 11.23 -12.76 -7.18
C SER A 258 11.66 -13.22 -5.79
N GLY A 259 11.45 -14.50 -5.47
CA GLY A 259 11.81 -15.02 -4.16
C GLY A 259 13.28 -14.90 -3.83
N LYS A 260 14.16 -14.90 -4.84
CA LYS A 260 15.58 -14.70 -4.63
C LYS A 260 15.99 -13.23 -4.72
N VAL A 261 15.09 -12.35 -5.16
CA VAL A 261 15.41 -10.93 -5.21
C VAL A 261 15.05 -10.24 -3.90
N VAL A 262 13.96 -10.66 -3.26
CA VAL A 262 13.53 -10.07 -2.00
C VAL A 262 14.57 -10.21 -0.90
N TYR A 263 15.62 -11.01 -1.12
CA TYR A 263 16.74 -11.04 -0.20
C TYR A 263 17.52 -9.73 -0.19
N PHE A 264 17.32 -8.87 -1.18
CA PHE A 264 18.00 -7.58 -1.24
C PHE A 264 17.06 -6.40 -1.05
N THR A 265 15.99 -6.30 -1.82
CA THR A 265 15.07 -5.18 -1.68
C THR A 265 14.01 -5.45 -0.61
N ALA A 266 14.47 -5.93 0.54
CA ALA A 266 13.67 -5.98 1.75
C ALA A 266 14.46 -5.65 3.01
N THR A 267 15.80 -5.62 2.93
CA THR A 267 16.66 -5.47 4.09
C THR A 267 17.57 -4.25 4.00
N PHE A 268 18.02 -3.89 2.79
CA PHE A 268 18.86 -2.71 2.63
C PHE A 268 18.23 -1.43 3.16
N PRO A 269 16.92 -1.18 3.00
CA PRO A 269 16.33 0.02 3.62
C PRO A 269 16.61 0.13 5.11
N TYR A 270 16.67 -0.99 5.84
CA TYR A 270 17.00 -0.93 7.25
C TYR A 270 18.42 -0.44 7.48
N VAL A 271 19.36 -0.88 6.65
CA VAL A 271 20.74 -0.40 6.76
C VAL A 271 20.80 1.10 6.48
N VAL A 272 20.12 1.54 5.43
CA VAL A 272 20.11 2.97 5.11
C VAL A 272 19.48 3.78 6.24
N LEU A 273 18.39 3.26 6.81
CA LEU A 273 17.74 3.94 7.93
C LEU A 273 18.65 4.02 9.14
N THR A 274 19.40 2.95 9.42
CA THR A 274 20.33 2.99 10.54
C THR A 274 21.42 4.02 10.32
N ILE A 275 21.97 4.09 9.12
CA ILE A 275 23.02 5.07 8.83
C ILE A 275 22.48 6.50 8.98
N LEU A 276 21.30 6.75 8.41
CA LEU A 276 20.70 8.08 8.48
C LEU A 276 20.35 8.44 9.92
N PHE A 277 19.86 7.47 10.69
CA PHE A 277 19.54 7.71 12.10
C PHE A 277 20.79 8.06 12.90
N VAL A 278 21.89 7.35 12.66
CA VAL A 278 23.13 7.66 13.36
C VAL A 278 23.59 9.07 13.02
N ARG A 279 23.58 9.42 11.73
CA ARG A 279 23.99 10.77 11.34
C ARG A 279 23.10 11.82 11.98
N GLY A 280 21.79 11.58 12.00
CA GLY A 280 20.89 12.54 12.64
C GLY A 280 21.12 12.66 14.14
N VAL A 281 21.41 11.54 14.81
CA VAL A 281 21.56 11.56 16.25
C VAL A 281 22.82 12.33 16.64
N THR A 282 23.95 12.05 15.98
CA THR A 282 25.16 12.78 16.33
C THR A 282 25.10 14.24 15.88
N LEU A 283 24.09 14.59 15.10
CA LEU A 283 23.96 15.96 14.62
C LEU A 283 23.44 16.88 15.71
N GLU A 284 23.98 18.10 15.77
CA GLU A 284 23.58 19.06 16.79
C GLU A 284 22.18 19.57 16.55
N GLY A 285 21.43 19.76 17.64
CA GLY A 285 20.08 20.26 17.55
C GLY A 285 19.02 19.22 17.23
N ALA A 286 19.38 17.93 17.27
CA ALA A 286 18.43 16.89 16.94
C ALA A 286 17.55 16.49 18.12
N PHE A 287 18.07 16.60 19.35
CA PHE A 287 17.30 16.20 20.52
C PHE A 287 16.08 17.07 20.74
N ASP A 288 16.06 18.29 20.19
CA ASP A 288 14.87 19.12 20.25
C ASP A 288 13.84 18.75 19.20
N GLY A 289 14.23 17.96 18.19
CA GLY A 289 13.29 17.54 17.17
C GLY A 289 12.60 16.25 17.51
N ILE A 290 13.19 15.46 18.41
CA ILE A 290 12.57 14.22 18.86
C ILE A 290 11.69 14.42 20.09
N MET A 291 11.82 15.55 20.78
CA MET A 291 10.98 15.83 21.93
C MET A 291 9.54 16.16 21.53
N TYR A 292 9.38 16.94 20.47
CA TYR A 292 8.03 17.23 19.96
C TYR A 292 7.38 15.96 19.42
N TYR A 293 8.18 14.99 18.99
CA TYR A 293 7.63 13.78 18.39
C TYR A 293 6.89 12.92 19.41
N LEU A 294 7.51 12.70 20.58
CA LEU A 294 7.00 11.72 21.53
C LEU A 294 6.76 12.30 22.93
N THR A 295 6.37 13.58 23.01
CA THR A 295 5.95 14.15 24.28
C THR A 295 4.45 13.93 24.43
N PRO A 296 3.94 13.39 25.54
CA PRO A 296 2.55 13.03 25.60
C PRO A 296 1.55 14.16 25.85
N GLN A 297 0.47 14.20 25.08
CA GLN A 297 -0.66 15.11 25.29
C GLN A 297 -1.87 14.23 25.51
N TRP A 298 -2.08 13.82 26.76
CA TRP A 298 -3.08 12.80 27.08
C TRP A 298 -4.51 13.28 26.89
N ASP A 299 -4.71 14.58 26.68
CA ASP A 299 -6.06 15.10 26.43
C ASP A 299 -6.61 14.58 25.11
N LYS A 300 -5.73 14.39 24.12
CA LYS A 300 -6.18 14.06 22.76
C LYS A 300 -6.87 12.70 22.69
N ILE A 301 -6.48 11.77 23.56
CA ILE A 301 -6.99 10.40 23.47
C ILE A 301 -8.43 10.33 23.99
N LEU A 302 -8.95 11.46 24.47
CA LEU A 302 -10.33 11.55 24.94
C LEU A 302 -11.30 11.92 23.83
N GLU A 303 -10.84 12.06 22.59
CA GLU A 303 -11.67 12.44 21.47
C GLU A 303 -11.88 11.25 20.55
N ALA A 304 -12.88 11.37 19.68
CA ALA A 304 -13.21 10.31 18.72
C ALA A 304 -12.45 10.42 17.42
N LYS A 305 -11.91 11.60 17.10
CA LYS A 305 -11.13 11.75 15.87
C LYS A 305 -9.85 10.94 15.93
N VAL A 306 -9.14 10.98 17.07
CA VAL A 306 -7.90 10.23 17.21
C VAL A 306 -8.13 8.74 17.11
N TRP A 307 -9.24 8.24 17.64
CA TRP A 307 -9.59 6.83 17.49
C TRP A 307 -10.12 6.50 16.10
N GLY A 308 -10.41 7.51 15.28
CA GLY A 308 -10.85 7.28 13.92
C GLY A 308 -9.72 7.41 12.92
N ASP A 309 -8.63 8.04 13.32
CA ASP A 309 -7.43 8.11 12.50
C ASP A 309 -6.45 6.98 12.75
N ALA A 310 -6.47 6.38 13.95
CA ALA A 310 -5.65 5.22 14.24
C ALA A 310 -6.25 3.92 13.71
N ALA A 311 -7.51 3.95 13.26
CA ALA A 311 -8.14 2.77 12.68
C ALA A 311 -8.00 2.70 11.17
N SER A 312 -7.99 3.84 10.49
CA SER A 312 -7.78 3.87 9.06
C SER A 312 -6.33 3.67 8.67
N GLN A 313 -5.40 4.24 9.44
CA GLN A 313 -3.98 4.07 9.13
C GLN A 313 -3.55 2.61 9.25
N ILE A 314 -4.03 1.91 10.28
CA ILE A 314 -3.71 0.50 10.44
C ILE A 314 -4.28 -0.31 9.27
N PHE A 315 -5.51 -0.01 8.88
CA PHE A 315 -6.16 -0.76 7.81
C PHE A 315 -5.46 -0.54 6.47
N TYR A 316 -5.14 0.71 6.14
CA TYR A 316 -4.57 1.00 4.83
C TYR A 316 -3.11 0.57 4.73
N SER A 317 -2.33 0.83 5.77
CA SER A 317 -0.89 0.57 5.70
C SER A 317 -0.58 -0.92 5.61
N LEU A 318 -1.37 -1.76 6.28
CA LEU A 318 -1.10 -3.20 6.26
C LEU A 318 -1.31 -3.83 4.89
N GLY A 319 -1.97 -3.13 3.97
CA GLY A 319 -2.22 -3.67 2.66
C GLY A 319 -3.35 -4.69 2.67
N CYS A 320 -4.50 -4.29 3.20
CA CYS A 320 -5.64 -5.18 3.34
C CYS A 320 -6.60 -4.99 2.16
N ALA A 321 -7.04 -6.12 1.60
CA ALA A 321 -8.06 -6.15 0.54
C ALA A 321 -7.58 -5.53 -0.76
N TRP A 322 -6.29 -5.63 -1.06
CA TRP A 322 -5.79 -5.39 -2.41
C TRP A 322 -5.54 -6.68 -3.16
N GLY A 323 -5.87 -7.82 -2.55
CA GLY A 323 -5.34 -9.09 -3.00
C GLY A 323 -3.97 -9.28 -2.40
N GLY A 324 -3.04 -9.89 -3.13
CA GLY A 324 -1.67 -9.98 -2.67
C GLY A 324 -1.45 -10.98 -1.56
N LEU A 325 -2.01 -10.71 -0.38
CA LEU A 325 -1.88 -11.66 0.72
C LEU A 325 -2.54 -12.99 0.37
N ILE A 326 -3.73 -12.93 -0.22
CA ILE A 326 -4.41 -14.15 -0.66
C ILE A 326 -3.67 -14.86 -1.78
N THR A 327 -2.83 -14.15 -2.54
CA THR A 327 -2.04 -14.77 -3.58
C THR A 327 -0.60 -15.07 -3.16
N MET A 328 -0.08 -14.39 -2.14
CA MET A 328 1.16 -14.85 -1.53
C MET A 328 0.96 -16.15 -0.76
N ALA A 329 -0.09 -16.20 0.06
CA ALA A 329 -0.34 -17.38 0.87
C ALA A 329 -0.76 -18.60 0.06
N SER A 330 -1.09 -18.42 -1.22
CA SER A 330 -1.51 -19.53 -2.06
C SER A 330 -0.34 -20.45 -2.45
N TYR A 331 0.90 -19.99 -2.31
CA TYR A 331 2.06 -20.81 -2.62
C TYR A 331 2.61 -21.55 -1.41
N ASN A 332 2.19 -21.18 -0.21
CA ASN A 332 2.69 -21.85 0.99
C ASN A 332 2.19 -23.29 1.06
N LYS A 333 2.94 -24.12 1.79
CA LYS A 333 2.52 -25.49 2.01
C LYS A 333 1.28 -25.53 2.89
N PHE A 334 0.59 -26.67 2.86
CA PHE A 334 -0.64 -26.81 3.65
C PHE A 334 -0.36 -26.71 5.14
N HIS A 335 0.54 -27.57 5.64
CA HIS A 335 0.87 -27.58 7.06
C HIS A 335 1.95 -26.52 7.35
N ASN A 336 1.52 -25.27 7.28
CA ASN A 336 2.36 -24.12 7.59
C ASN A 336 1.71 -23.32 8.71
N ASN A 337 2.51 -22.90 9.68
CA ASN A 337 1.98 -22.13 10.80
C ASN A 337 1.60 -20.72 10.34
N CYS A 338 0.30 -20.50 10.16
CA CYS A 338 -0.21 -19.20 9.72
C CYS A 338 -0.42 -18.23 10.86
N TYR A 339 -0.19 -18.66 12.10
CA TYR A 339 -0.39 -17.79 13.25
C TYR A 339 0.88 -17.04 13.63
N ARG A 340 2.03 -17.71 13.58
CA ARG A 340 3.30 -17.04 13.87
C ARG A 340 3.62 -15.99 12.81
N ASP A 341 3.44 -16.35 11.54
CA ASP A 341 3.71 -15.42 10.45
C ASP A 341 2.73 -14.25 10.41
N SER A 342 1.51 -14.44 10.90
CA SER A 342 0.54 -13.34 10.94
C SER A 342 0.90 -12.30 12.00
N VAL A 343 1.65 -12.69 13.02
CA VAL A 343 2.07 -11.77 14.06
C VAL A 343 3.42 -11.15 13.75
N ILE A 344 4.37 -11.94 13.22
CA ILE A 344 5.70 -11.44 12.93
C ILE A 344 5.64 -10.29 11.94
N ILE A 345 4.92 -10.50 10.83
CA ILE A 345 4.83 -9.49 9.78
C ILE A 345 4.11 -8.25 10.28
N SER A 346 3.01 -8.44 11.02
CA SER A 346 2.24 -7.31 11.51
C SER A 346 3.06 -6.45 12.49
N ILE A 347 3.81 -7.09 13.38
CA ILE A 347 4.63 -6.34 14.32
C ILE A 347 5.80 -5.66 13.60
N THR A 348 6.41 -6.36 12.63
CA THR A 348 7.53 -5.78 11.90
C THR A 348 7.10 -4.55 11.11
N ASN A 349 5.92 -4.60 10.49
CA ASN A 349 5.45 -3.45 9.72
C ASN A 349 5.21 -2.23 10.61
N CYS A 350 4.67 -2.44 11.81
CA CYS A 350 4.35 -1.34 12.71
C CYS A 350 5.53 -0.90 13.56
N ALA A 351 6.63 -1.64 13.56
CA ALA A 351 7.84 -1.24 14.28
C ALA A 351 8.82 -0.48 13.42
N THR A 352 8.51 -0.30 12.12
CA THR A 352 9.35 0.48 11.22
C THR A 352 8.91 1.93 11.14
N SER A 353 7.62 2.19 11.35
CA SER A 353 7.11 3.56 11.28
C SER A 353 7.73 4.42 12.37
N VAL A 354 7.91 3.88 13.57
CA VAL A 354 8.52 4.63 14.66
C VAL A 354 9.96 4.99 14.33
N TYR A 355 10.71 4.03 13.78
CA TYR A 355 12.09 4.28 13.40
C TYR A 355 12.18 5.35 12.31
N ALA A 356 11.28 5.27 11.31
CA ALA A 356 11.25 6.29 10.27
C ALA A 356 10.90 7.65 10.84
N GLY A 357 9.98 7.70 11.81
CA GLY A 357 9.65 8.96 12.44
C GLY A 357 10.84 9.57 13.15
N PHE A 358 11.58 8.74 13.89
CA PHE A 358 12.81 9.22 14.54
C PHE A 358 13.77 9.80 13.50
N VAL A 359 14.00 9.06 12.42
CA VAL A 359 14.97 9.46 11.41
C VAL A 359 14.57 10.80 10.79
N ILE A 360 13.29 10.94 10.43
CA ILE A 360 12.83 12.18 9.81
C ILE A 360 12.92 13.34 10.78
N PHE A 361 12.42 13.14 12.00
CA PHE A 361 12.27 14.26 12.92
C PHE A 361 13.60 14.74 13.49
N SER A 362 14.62 13.90 13.55
CA SER A 362 15.94 14.39 13.97
C SER A 362 16.45 15.47 13.01
N ILE A 363 16.46 15.17 11.71
CA ILE A 363 16.94 16.14 10.74
C ILE A 363 15.98 17.33 10.63
N LEU A 364 14.68 17.09 10.79
CA LEU A 364 13.74 18.21 10.80
C LEU A 364 14.02 19.15 11.97
N GLY A 365 14.35 18.61 13.15
CA GLY A 365 14.75 19.44 14.27
C GLY A 365 16.02 20.21 14.01
N PHE A 366 17.00 19.58 13.37
CA PHE A 366 18.21 20.32 13.00
C PHE A 366 17.88 21.48 12.07
N MET A 367 17.01 21.23 11.07
CA MET A 367 16.61 22.26 10.13
C MET A 367 15.93 23.42 10.84
N ALA A 368 14.98 23.11 11.74
CA ALA A 368 14.28 24.14 12.49
C ALA A 368 15.24 24.94 13.36
N ASN A 369 16.20 24.26 13.99
CA ASN A 369 17.20 24.97 14.78
C ASN A 369 18.04 25.90 13.91
N HIS A 370 18.42 25.45 12.72
CA HIS A 370 19.23 26.28 11.84
C HIS A 370 18.48 27.53 11.43
N LEU A 371 17.19 27.41 11.13
CA LEU A 371 16.39 28.61 10.87
C LEU A 371 15.79 29.21 12.13
N GLY A 372 16.11 28.66 13.30
CA GLY A 372 15.74 29.27 14.57
C GLY A 372 14.25 29.44 14.77
N VAL A 373 13.47 28.40 14.48
CA VAL A 373 12.03 28.43 14.64
C VAL A 373 11.58 27.17 15.36
N ASP A 374 10.41 27.24 15.97
CA ASP A 374 9.76 26.06 16.52
C ASP A 374 9.40 25.11 15.37
N VAL A 375 9.33 23.82 15.68
CA VAL A 375 9.12 22.81 14.64
C VAL A 375 7.62 22.75 14.41
N SER A 376 7.12 23.72 13.66
CA SER A 376 5.77 23.70 13.11
C SER A 376 5.67 24.24 11.69
N ARG A 377 6.71 24.93 11.20
CA ARG A 377 6.71 25.50 9.86
C ARG A 377 7.49 24.67 8.86
N VAL A 378 8.10 23.57 9.29
CA VAL A 378 8.97 22.77 8.43
C VAL A 378 8.50 21.32 8.42
N ALA A 379 7.21 21.11 8.63
CA ALA A 379 6.62 19.78 8.60
C ALA A 379 5.67 19.68 7.41
N ASP A 380 5.83 18.61 6.63
CA ASP A 380 5.04 18.41 5.43
C ASP A 380 4.50 16.99 5.39
N HIS A 381 3.38 16.81 4.68
CA HIS A 381 2.64 15.55 4.73
C HIS A 381 3.22 14.50 3.79
N GLY A 382 3.19 14.74 2.49
CA GLY A 382 3.48 13.72 1.53
C GLY A 382 4.64 14.04 0.60
N PRO A 383 4.35 14.17 -0.69
CA PRO A 383 5.42 14.51 -1.65
C PRO A 383 6.09 15.84 -1.35
N GLY A 384 5.45 16.71 -0.58
CA GLY A 384 6.09 17.93 -0.15
C GLY A 384 7.14 17.75 0.93
N LEU A 385 7.24 16.54 1.50
CA LEU A 385 8.27 16.22 2.48
C LEU A 385 9.45 15.47 1.88
N ALA A 386 9.17 14.43 1.08
CA ALA A 386 10.23 13.64 0.48
C ALA A 386 10.93 14.33 -0.68
N PHE A 387 10.33 15.37 -1.25
CA PHE A 387 10.89 16.03 -2.42
C PHE A 387 11.08 17.54 -2.26
N VAL A 388 10.50 18.16 -1.22
CA VAL A 388 10.57 19.60 -1.08
C VAL A 388 11.16 19.97 0.28
N ALA A 389 10.99 19.09 1.27
CA ALA A 389 11.39 19.38 2.64
C ALA A 389 12.67 18.65 3.03
N TYR A 390 12.68 17.31 2.93
CA TYR A 390 13.85 16.55 3.31
C TYR A 390 15.07 16.85 2.43
N PRO A 391 14.96 16.88 1.09
CA PRO A 391 16.14 17.26 0.29
C PRO A 391 16.66 18.65 0.60
N GLU A 392 15.78 19.59 0.97
CA GLU A 392 16.22 20.94 1.31
C GLU A 392 16.97 20.98 2.64
N ALA A 393 16.84 19.95 3.47
CA ALA A 393 17.57 19.86 4.72
C ALA A 393 18.86 19.07 4.62
N LEU A 394 18.94 18.13 3.68
CA LEU A 394 20.16 17.36 3.49
C LEU A 394 21.29 18.21 2.90
N THR A 395 20.97 19.36 2.33
CA THR A 395 21.98 20.19 1.69
C THR A 395 22.87 20.91 2.68
N LEU A 396 22.54 20.90 3.97
CA LEU A 396 23.37 21.53 4.99
C LEU A 396 24.45 20.60 5.54
N LEU A 397 24.31 19.29 5.35
CA LEU A 397 25.32 18.37 5.82
C LEU A 397 26.58 18.49 4.95
N PRO A 398 27.75 18.11 5.49
CA PRO A 398 29.00 18.29 4.74
C PRO A 398 29.02 17.59 3.39
N ILE A 399 28.85 16.27 3.38
CA ILE A 399 28.83 15.49 2.14
C ILE A 399 27.37 15.20 1.84
N SER A 400 26.73 16.11 1.11
CA SER A 400 25.30 16.02 0.81
C SER A 400 24.95 15.07 -0.34
N PRO A 401 25.72 15.03 -1.44
CA PRO A 401 25.35 14.13 -2.55
C PRO A 401 25.47 12.65 -2.22
N LEU A 402 25.92 12.30 -1.02
CA LEU A 402 25.92 10.91 -0.57
C LEU A 402 24.71 10.56 0.27
N TRP A 403 24.35 11.42 1.23
CA TRP A 403 23.12 11.22 1.99
C TRP A 403 21.91 11.30 1.07
N SER A 404 21.90 12.25 0.14
CA SER A 404 20.80 12.34 -0.81
C SER A 404 20.70 11.08 -1.67
N LEU A 405 21.85 10.59 -2.14
CA LEU A 405 21.87 9.37 -2.94
C LEU A 405 21.30 8.19 -2.15
N LEU A 406 21.74 8.02 -0.91
CA LEU A 406 21.25 6.92 -0.09
C LEU A 406 19.76 7.04 0.20
N PHE A 407 19.30 8.27 0.49
CA PHE A 407 17.88 8.46 0.79
C PHE A 407 17.01 8.12 -0.41
N PHE A 408 17.40 8.59 -1.60
CA PHE A 408 16.58 8.31 -2.77
C PHE A 408 16.69 6.85 -3.20
N PHE A 409 17.84 6.21 -2.97
CA PHE A 409 17.93 4.77 -3.20
C PHE A 409 17.00 4.01 -2.26
N MET A 410 16.93 4.44 -1.00
CA MET A 410 16.00 3.80 -0.06
C MET A 410 14.56 3.98 -0.51
N LEU A 411 14.21 5.18 -0.99
CA LEU A 411 12.86 5.40 -1.49
C LEU A 411 12.55 4.51 -2.68
N ILE A 412 13.51 4.38 -3.61
CA ILE A 412 13.31 3.53 -4.78
C ILE A 412 13.10 2.08 -4.34
N LEU A 413 13.93 1.59 -3.42
CA LEU A 413 13.80 0.22 -2.96
C LEU A 413 12.50 -0.02 -2.23
N LEU A 414 12.07 0.93 -1.40
CA LEU A 414 10.80 0.81 -0.69
C LEU A 414 9.62 0.79 -1.65
N GLY A 415 9.65 1.61 -2.69
CA GLY A 415 8.57 1.62 -3.66
C GLY A 415 8.60 0.49 -4.67
N LEU A 416 9.68 -0.26 -4.74
CA LEU A 416 9.83 -1.33 -5.72
C LEU A 416 9.46 -2.70 -5.17
N GLY A 417 9.37 -2.85 -3.85
CA GLY A 417 9.01 -4.13 -3.26
C GLY A 417 7.52 -4.37 -3.30
N THR A 418 6.75 -3.29 -3.45
CA THR A 418 5.30 -3.38 -3.53
C THR A 418 4.83 -3.64 -4.95
N GLN A 419 5.49 -3.03 -5.95
CA GLN A 419 5.08 -3.18 -7.33
C GLN A 419 5.24 -4.60 -7.85
N PHE A 420 6.10 -5.41 -7.21
CA PHE A 420 6.23 -6.80 -7.61
C PHE A 420 4.93 -7.56 -7.41
N CYS A 421 4.25 -7.32 -6.28
CA CYS A 421 2.99 -8.01 -6.02
C CYS A 421 1.88 -7.50 -6.93
N LEU A 422 1.82 -6.18 -7.14
CA LEU A 422 0.75 -5.60 -7.95
C LEU A 422 0.81 -6.03 -9.40
N LEU A 423 1.92 -6.63 -9.84
CA LEU A 423 2.01 -7.26 -11.15
C LEU A 423 1.77 -8.76 -11.08
N GLU A 424 2.23 -9.42 -10.02
CA GLU A 424 2.01 -10.85 -9.86
C GLU A 424 0.59 -11.19 -9.43
N THR A 425 -0.10 -10.25 -8.76
CA THR A 425 -1.49 -10.49 -8.41
C THR A 425 -2.38 -10.56 -9.64
N LEU A 426 -2.15 -9.67 -10.61
CA LEU A 426 -2.96 -9.67 -11.84
C LEU A 426 -2.56 -10.78 -12.80
N VAL A 427 -1.38 -11.34 -12.68
CA VAL A 427 -0.95 -12.42 -13.57
C VAL A 427 -1.45 -13.77 -13.07
N THR A 428 -1.38 -13.99 -11.75
CA THR A 428 -1.83 -15.27 -11.19
C THR A 428 -3.31 -15.50 -11.50
N ALA A 429 -4.13 -14.46 -11.39
CA ALA A 429 -5.55 -14.56 -11.73
C ALA A 429 -5.71 -15.00 -13.18
N ILE A 430 -5.30 -14.15 -14.12
CA ILE A 430 -5.47 -14.41 -15.55
C ILE A 430 -4.90 -15.78 -15.93
N VAL A 431 -3.94 -16.28 -15.15
CA VAL A 431 -3.39 -17.60 -15.44
C VAL A 431 -4.33 -18.70 -14.95
N ASP A 432 -4.76 -18.63 -13.68
CA ASP A 432 -5.53 -19.73 -13.11
C ASP A 432 -6.99 -19.73 -13.56
N GLU A 433 -7.58 -18.56 -13.79
CA GLU A 433 -8.98 -18.48 -14.18
C GLU A 433 -9.22 -19.14 -15.54
N VAL A 434 -8.31 -18.92 -16.49
CA VAL A 434 -8.47 -19.53 -17.81
C VAL A 434 -8.39 -21.05 -17.69
N GLY A 435 -7.24 -21.56 -17.29
CA GLY A 435 -7.08 -22.96 -16.97
C GLY A 435 -6.61 -23.78 -18.14
N ASN A 436 -5.32 -24.11 -18.17
CA ASN A 436 -4.69 -24.82 -19.27
C ASN A 436 -3.24 -25.15 -18.94
N GLU A 437 -2.59 -25.94 -19.80
CA GLU A 437 -1.14 -26.04 -19.80
C GLU A 437 -0.51 -25.08 -20.80
N TRP A 438 -1.28 -24.63 -21.79
CA TRP A 438 -0.77 -23.63 -22.73
C TRP A 438 -0.60 -22.27 -22.06
N ILE A 439 -1.43 -21.97 -21.06
CA ILE A 439 -1.31 -20.70 -20.33
C ILE A 439 -0.20 -20.74 -19.28
N LEU A 440 0.33 -21.92 -18.96
CA LEU A 440 1.43 -22.03 -18.02
C LEU A 440 2.80 -22.04 -18.69
N GLN A 441 2.88 -22.53 -19.93
CA GLN A 441 4.15 -22.51 -20.65
C GLN A 441 4.53 -21.11 -21.09
N LYS A 442 3.58 -20.19 -21.17
CA LYS A 442 3.85 -18.84 -21.66
C LYS A 442 3.40 -17.79 -20.66
N LYS A 443 3.75 -18.00 -19.38
CA LYS A 443 3.41 -17.01 -18.36
C LYS A 443 4.23 -15.75 -18.51
N THR A 444 5.47 -15.86 -19.02
CA THR A 444 6.31 -14.68 -19.20
C THR A 444 5.74 -13.74 -20.25
N TYR A 445 5.13 -14.30 -21.30
CA TYR A 445 4.48 -13.46 -22.30
C TYR A 445 3.31 -12.69 -21.69
N VAL A 446 2.54 -13.35 -20.81
CA VAL A 446 1.46 -12.66 -20.11
C VAL A 446 2.02 -11.56 -19.23
N THR A 447 3.12 -11.83 -18.52
CA THR A 447 3.72 -10.82 -17.66
C THR A 447 4.18 -9.62 -18.46
N LEU A 448 4.77 -9.86 -19.64
CA LEU A 448 5.15 -8.76 -20.52
C LEU A 448 3.93 -8.03 -21.05
N GLY A 449 2.81 -8.74 -21.25
CA GLY A 449 1.61 -8.10 -21.76
C GLY A 449 1.01 -7.09 -20.81
N VAL A 450 1.13 -7.32 -19.50
CA VAL A 450 0.61 -6.38 -18.52
C VAL A 450 1.56 -5.22 -18.26
N ALA A 451 2.87 -5.44 -18.36
CA ALA A 451 3.83 -4.36 -18.14
C ALA A 451 3.74 -3.31 -19.24
N VAL A 452 3.64 -3.73 -20.50
CA VAL A 452 3.55 -2.78 -21.60
C VAL A 452 2.19 -2.10 -21.67
N ALA A 453 1.18 -2.64 -20.99
CA ALA A 453 -0.12 -2.00 -20.89
C ALA A 453 -0.24 -1.09 -19.68
N GLY A 454 0.75 -1.12 -18.78
CA GLY A 454 0.78 -0.21 -17.65
C GLY A 454 1.70 0.96 -17.90
N PHE A 455 2.44 0.90 -19.01
CA PHE A 455 3.32 1.98 -19.43
C PHE A 455 2.60 2.95 -20.37
N LEU A 456 1.81 2.43 -21.30
CA LEU A 456 1.01 3.30 -22.17
C LEU A 456 -0.10 3.99 -21.40
N LEU A 457 -0.64 3.32 -20.38
CA LEU A 457 -1.73 3.87 -19.58
C LEU A 457 -1.26 4.86 -18.53
N GLY A 458 0.06 5.02 -18.36
CA GLY A 458 0.58 5.94 -17.36
C GLY A 458 1.32 7.11 -17.96
N ILE A 459 1.09 7.37 -19.25
CA ILE A 459 1.72 8.48 -19.95
C ILE A 459 1.01 9.80 -19.63
N PRO A 460 -0.33 9.87 -19.60
CA PRO A 460 -0.97 11.15 -19.27
C PRO A 460 -0.61 11.70 -17.89
N LEU A 461 -0.17 10.85 -16.96
CA LEU A 461 0.21 11.32 -15.64
C LEU A 461 1.60 11.93 -15.61
N THR A 462 2.36 11.85 -16.70
CA THR A 462 3.69 12.45 -16.77
C THR A 462 3.67 13.78 -17.52
N SER A 463 2.49 14.31 -17.84
CA SER A 463 2.38 15.60 -18.50
C SER A 463 2.51 16.72 -17.48
N GLN A 464 2.23 17.96 -17.90
CA GLN A 464 2.31 19.08 -16.97
C GLN A 464 1.27 18.95 -15.86
N ALA A 465 0.06 18.55 -16.22
CA ALA A 465 -1.01 18.34 -15.23
C ALA A 465 -1.02 16.89 -14.75
N GLY A 466 0.10 16.48 -14.16
CA GLY A 466 0.25 15.12 -13.68
C GLY A 466 -0.01 14.98 -12.19
N ILE A 467 0.40 15.99 -11.42
CA ILE A 467 0.17 15.95 -9.98
C ILE A 467 -1.32 16.03 -9.68
N TYR A 468 -2.07 16.82 -10.46
CA TYR A 468 -3.50 16.96 -10.24
C TYR A 468 -4.21 15.62 -10.38
N TRP A 469 -3.87 14.85 -11.42
CA TRP A 469 -4.46 13.53 -11.59
C TRP A 469 -3.87 12.50 -10.66
N LEU A 470 -2.68 12.75 -10.11
CA LEU A 470 -2.07 11.80 -9.19
C LEU A 470 -2.79 11.77 -7.86
N LEU A 471 -3.20 12.94 -7.36
CA LEU A 471 -3.84 13.01 -6.05
C LEU A 471 -5.33 12.69 -6.11
N LEU A 472 -5.94 12.73 -7.30
CA LEU A 472 -7.35 12.39 -7.44
C LEU A 472 -7.57 10.88 -7.52
N MET A 473 -6.52 10.11 -7.78
CA MET A 473 -6.64 8.66 -7.91
C MET A 473 -6.34 7.91 -6.62
N ASP A 474 -5.72 8.60 -5.66
CA ASP A 474 -5.35 8.02 -4.35
C ASP A 474 -6.34 8.46 -3.28
N ASN A 475 -7.24 9.38 -3.60
CA ASN A 475 -8.22 9.89 -2.67
C ASN A 475 -9.64 9.46 -2.99
N TYR A 476 -9.89 8.95 -4.20
CA TYR A 476 -11.21 8.47 -4.58
C TYR A 476 -11.23 7.01 -4.98
N ALA A 477 -10.31 6.57 -5.83
CA ALA A 477 -10.31 5.19 -6.30
C ALA A 477 -10.06 4.22 -5.15
N ALA A 478 -8.84 4.21 -4.63
CA ALA A 478 -8.49 3.36 -3.49
C ALA A 478 -8.55 4.14 -2.18
N SER A 479 -9.75 4.62 -1.86
CA SER A 479 -9.98 5.33 -0.60
C SER A 479 -11.01 4.64 0.28
N PHE A 480 -12.22 4.41 -0.23
CA PHE A 480 -13.26 3.73 0.54
C PHE A 480 -13.83 2.50 -0.16
N SER A 481 -13.36 2.18 -1.37
CA SER A 481 -13.73 0.91 -1.97
C SER A 481 -13.09 -0.26 -1.23
N LEU A 482 -11.94 -0.01 -0.61
CA LEU A 482 -11.26 -1.05 0.15
C LEU A 482 -12.03 -1.42 1.40
N VAL A 483 -12.61 -0.42 2.07
CA VAL A 483 -13.34 -0.67 3.31
C VAL A 483 -14.60 -1.47 3.04
N VAL A 484 -15.26 -1.18 1.92
CA VAL A 484 -16.51 -1.88 1.58
C VAL A 484 -16.22 -3.33 1.22
N ILE A 485 -15.12 -3.57 0.51
CA ILE A 485 -14.78 -4.94 0.10
C ILE A 485 -14.49 -5.80 1.32
N SER A 486 -13.72 -5.27 2.27
CA SER A 486 -13.38 -6.03 3.47
C SER A 486 -14.61 -6.32 4.31
N CYS A 487 -15.51 -5.34 4.44
CA CYS A 487 -16.71 -5.54 5.25
C CYS A 487 -17.60 -6.63 4.66
N ILE A 488 -17.76 -6.65 3.34
CA ILE A 488 -18.59 -7.67 2.71
C ILE A 488 -17.91 -9.04 2.79
N MET A 489 -16.59 -9.07 2.64
CA MET A 489 -15.88 -10.35 2.66
C MET A 489 -15.87 -10.94 4.07
N CYS A 490 -15.88 -10.09 5.09
CA CYS A 490 -16.00 -10.59 6.46
C CYS A 490 -17.34 -11.28 6.69
N VAL A 491 -18.42 -10.70 6.16
CA VAL A 491 -19.76 -11.25 6.32
C VAL A 491 -19.86 -12.57 5.54
N ALA A 492 -19.20 -12.64 4.39
CA ALA A 492 -19.29 -13.78 3.51
C ALA A 492 -18.73 -15.07 4.11
N ILE A 493 -17.63 -14.99 4.85
CA ILE A 493 -16.96 -16.16 5.40
C ILE A 493 -17.39 -16.47 6.82
N MET A 494 -18.06 -15.54 7.50
CA MET A 494 -18.44 -15.73 8.90
C MET A 494 -19.88 -16.16 9.07
N TYR A 495 -20.83 -15.51 8.40
CA TYR A 495 -22.25 -15.76 8.63
C TYR A 495 -22.96 -16.41 7.46
N ILE A 496 -22.38 -16.38 6.26
CA ILE A 496 -22.96 -17.10 5.13
C ILE A 496 -22.37 -18.50 5.02
N TYR A 497 -21.05 -18.61 4.94
CA TYR A 497 -20.40 -19.91 4.97
C TYR A 497 -20.56 -20.57 6.33
N GLY A 498 -20.39 -19.80 7.40
CA GLY A 498 -20.52 -20.31 8.75
C GLY A 498 -19.24 -20.21 9.55
N HIS A 499 -19.28 -19.51 10.67
CA HIS A 499 -18.10 -19.37 11.52
C HIS A 499 -17.76 -20.64 12.27
N ARG A 500 -18.62 -21.66 12.23
CA ARG A 500 -18.36 -22.92 12.91
C ARG A 500 -17.61 -23.92 12.03
N ASN A 501 -17.64 -23.74 10.71
CA ASN A 501 -16.89 -24.60 9.81
C ASN A 501 -15.51 -24.05 9.49
N TYR A 502 -15.37 -22.72 9.43
CA TYR A 502 -14.07 -22.12 9.17
C TYR A 502 -13.08 -22.42 10.29
N PHE A 503 -13.57 -22.49 11.53
CA PHE A 503 -12.70 -22.83 12.65
C PHE A 503 -12.14 -24.24 12.49
N GLN A 504 -12.98 -25.20 12.10
CA GLN A 504 -12.50 -26.55 11.86
C GLN A 504 -11.55 -26.60 10.66
N ASP A 505 -11.83 -25.82 9.61
CA ASP A 505 -10.94 -25.75 8.47
C ASP A 505 -9.56 -25.25 8.89
N ILE A 506 -9.51 -24.20 9.72
CA ILE A 506 -8.24 -23.68 10.20
C ILE A 506 -7.55 -24.71 11.10
N GLN A 507 -8.30 -25.37 11.97
CA GLN A 507 -7.73 -26.40 12.83
C GLN A 507 -7.13 -27.53 12.03
N MET A 508 -7.68 -27.83 10.85
CA MET A 508 -7.10 -28.86 10.00
C MET A 508 -5.70 -28.48 9.54
N MET A 509 -5.44 -27.19 9.31
CA MET A 509 -4.13 -26.72 8.85
C MET A 509 -3.17 -26.49 10.01
N LEU A 510 -3.57 -25.65 10.97
CA LEU A 510 -2.66 -25.27 12.05
C LEU A 510 -2.28 -26.47 12.91
N GLY A 511 -3.24 -27.36 13.20
CA GLY A 511 -3.02 -28.47 14.10
C GLY A 511 -3.56 -28.27 15.49
N PHE A 512 -3.99 -27.06 15.82
CA PHE A 512 -4.63 -26.77 17.10
C PHE A 512 -5.75 -25.79 16.85
N PRO A 513 -6.78 -25.77 17.70
CA PRO A 513 -7.87 -24.82 17.50
C PRO A 513 -7.37 -23.40 17.62
N PRO A 514 -8.00 -22.46 16.91
CA PRO A 514 -7.58 -21.07 17.02
C PRO A 514 -7.74 -20.57 18.43
N PRO A 515 -6.87 -19.65 18.86
CA PRO A 515 -6.99 -19.12 20.23
C PRO A 515 -8.34 -18.47 20.46
N LEU A 516 -8.84 -18.60 21.68
CA LEU A 516 -10.16 -18.08 22.03
C LEU A 516 -10.25 -16.58 21.77
N PHE A 517 -9.13 -15.87 21.95
CA PHE A 517 -9.12 -14.44 21.69
C PHE A 517 -9.41 -14.13 20.23
N PHE A 518 -9.10 -15.06 19.32
CA PHE A 518 -9.35 -14.83 17.91
C PHE A 518 -10.77 -15.23 17.49
N GLN A 519 -11.46 -16.06 18.26
CA GLN A 519 -12.85 -16.39 17.93
C GLN A 519 -13.79 -15.25 18.29
N ILE A 520 -13.53 -14.54 19.39
CA ILE A 520 -14.36 -13.40 19.77
C ILE A 520 -14.02 -12.15 18.97
N CYS A 521 -12.83 -12.08 18.38
CA CYS A 521 -12.43 -10.94 17.57
C CYS A 521 -12.77 -11.10 16.09
N TRP A 522 -13.18 -12.30 15.68
CA TRP A 522 -13.53 -12.56 14.28
C TRP A 522 -15.02 -12.46 14.00
N ARG A 523 -15.84 -12.31 15.04
CA ARG A 523 -17.28 -12.35 14.88
C ARG A 523 -18.00 -11.11 15.41
N PHE A 524 -17.42 -10.41 16.39
CA PHE A 524 -18.07 -9.25 16.99
C PHE A 524 -17.24 -7.98 16.88
N VAL A 525 -15.95 -8.04 17.17
CA VAL A 525 -15.16 -6.83 17.34
C VAL A 525 -14.71 -6.26 16.00
N SER A 526 -14.03 -7.08 15.19
CA SER A 526 -13.45 -6.58 13.94
C SER A 526 -14.48 -6.03 12.98
N PRO A 527 -15.61 -6.70 12.70
CA PRO A 527 -16.63 -6.07 11.85
C PRO A 527 -17.16 -4.78 12.43
N ALA A 528 -17.27 -4.66 13.75
CA ALA A 528 -17.67 -3.40 14.36
C ALA A 528 -16.65 -2.30 14.07
N ILE A 529 -15.36 -2.64 14.13
CA ILE A 529 -14.32 -1.65 13.83
C ILE A 529 -14.38 -1.24 12.36
N ILE A 530 -14.64 -2.20 11.47
CA ILE A 530 -14.78 -1.86 10.05
C ILE A 530 -15.97 -0.94 9.83
N PHE A 531 -17.10 -1.21 10.51
CA PHE A 531 -18.26 -0.34 10.41
C PHE A 531 -17.94 1.05 10.95
N PHE A 532 -17.18 1.13 12.04
CA PHE A 532 -16.78 2.43 12.58
C PHE A 532 -15.95 3.21 11.57
N ILE A 533 -15.01 2.52 10.91
CA ILE A 533 -14.20 3.18 9.88
C ILE A 533 -15.08 3.66 8.74
N LEU A 534 -16.03 2.84 8.31
CA LEU A 534 -16.92 3.22 7.21
C LEU A 534 -17.76 4.43 7.57
N VAL A 535 -18.28 4.47 8.80
CA VAL A 535 -19.11 5.59 9.23
C VAL A 535 -18.28 6.86 9.36
N PHE A 536 -17.10 6.75 9.97
CA PHE A 536 -16.27 7.94 10.19
C PHE A 536 -15.80 8.56 8.89
N THR A 537 -15.62 7.76 7.84
CA THR A 537 -15.17 8.28 6.55
C THR A 537 -16.24 9.10 5.85
N VAL A 538 -17.51 8.91 6.18
CA VAL A 538 -18.60 9.64 5.54
C VAL A 538 -18.84 10.98 6.23
N ILE A 539 -18.82 11.00 7.57
CA ILE A 539 -19.08 12.23 8.32
C ILE A 539 -17.99 13.27 8.13
N GLN A 540 -16.81 12.88 7.65
CA GLN A 540 -15.67 13.78 7.53
C GLN A 540 -15.17 13.82 6.09
N TYR A 541 -16.08 13.98 5.15
CA TYR A 541 -15.75 14.08 3.73
C TYR A 541 -15.72 15.55 3.32
N GLN A 542 -14.62 15.96 2.71
CA GLN A 542 -14.46 17.30 2.16
C GLN A 542 -13.91 17.21 0.75
N PRO A 543 -14.25 18.17 -0.12
CA PRO A 543 -13.71 18.15 -1.48
C PRO A 543 -12.19 18.25 -1.48
N ILE A 544 -11.56 17.53 -2.41
CA ILE A 544 -10.11 17.48 -2.46
C ILE A 544 -9.57 18.82 -2.93
N THR A 545 -8.54 19.32 -2.24
CA THR A 545 -7.89 20.57 -2.60
C THR A 545 -6.37 20.37 -2.52
N TYR A 546 -5.68 20.87 -3.54
CA TYR A 546 -4.21 20.86 -3.57
C TYR A 546 -3.72 22.28 -3.35
N ASN A 547 -3.01 22.49 -2.25
CA ASN A 547 -2.60 23.83 -1.81
C ASN A 547 -3.83 24.74 -1.73
N HIS A 548 -3.88 25.77 -2.57
CA HIS A 548 -5.06 26.62 -2.66
C HIS A 548 -5.92 26.31 -3.88
N TYR A 549 -5.51 25.36 -4.73
CA TYR A 549 -6.31 25.01 -5.89
C TYR A 549 -7.58 24.28 -5.47
N GLN A 550 -8.68 24.61 -6.12
CA GLN A 550 -9.97 23.97 -5.87
C GLN A 550 -10.36 23.17 -7.09
N TYR A 551 -10.57 21.88 -6.91
CA TYR A 551 -10.91 21.00 -8.03
C TYR A 551 -12.30 21.34 -8.56
N PRO A 552 -12.49 21.34 -9.87
CA PRO A 552 -13.81 21.65 -10.43
C PRO A 552 -14.78 20.49 -10.23
N GLY A 553 -16.03 20.72 -10.65
CA GLY A 553 -17.05 19.72 -10.45
C GLY A 553 -16.82 18.45 -11.26
N TRP A 554 -16.34 18.60 -12.50
CA TRP A 554 -16.18 17.43 -13.36
C TRP A 554 -15.09 16.51 -12.82
N ALA A 555 -14.05 17.08 -12.21
CA ALA A 555 -13.01 16.24 -11.61
C ALA A 555 -13.58 15.40 -10.46
N VAL A 556 -14.41 16.02 -9.61
CA VAL A 556 -15.04 15.28 -8.52
C VAL A 556 -15.97 14.20 -9.06
N ALA A 557 -16.71 14.52 -10.13
CA ALA A 557 -17.58 13.52 -10.73
C ALA A 557 -16.79 12.35 -11.29
N ILE A 558 -15.66 12.64 -11.95
CA ILE A 558 -14.82 11.57 -12.49
C ILE A 558 -14.26 10.72 -11.36
N GLY A 559 -13.84 11.36 -10.27
CA GLY A 559 -13.34 10.59 -9.13
C GLY A 559 -14.42 9.71 -8.52
N PHE A 560 -15.64 10.23 -8.39
CA PHE A 560 -16.73 9.43 -7.84
C PHE A 560 -17.07 8.25 -8.74
N LEU A 561 -17.07 8.47 -10.06
CA LEU A 561 -17.30 7.35 -10.98
C LEU A 561 -16.15 6.35 -10.92
N MET A 562 -14.93 6.82 -10.66
CA MET A 562 -13.81 5.90 -10.46
C MET A 562 -14.02 5.05 -9.23
N ALA A 563 -14.50 5.65 -8.14
CA ALA A 563 -14.76 4.92 -6.91
C ALA A 563 -15.92 3.94 -7.03
N LEU A 564 -16.76 4.07 -8.07
CA LEU A 564 -17.90 3.21 -8.28
C LEU A 564 -17.62 2.12 -9.31
N SER A 565 -16.36 1.96 -9.70
CA SER A 565 -15.98 0.92 -10.65
C SER A 565 -15.51 -0.36 -9.96
N SER A 566 -15.47 -0.38 -8.64
CA SER A 566 -15.05 -1.55 -7.87
C SER A 566 -16.16 -2.10 -6.98
N VAL A 567 -16.84 -1.24 -6.22
CA VAL A 567 -17.93 -1.69 -5.34
C VAL A 567 -19.21 -1.98 -6.10
N LEU A 568 -19.27 -1.64 -7.39
CA LEU A 568 -20.44 -1.94 -8.21
C LEU A 568 -20.28 -3.26 -8.98
N CYS A 569 -19.15 -3.94 -8.81
CA CYS A 569 -18.96 -5.25 -9.42
C CYS A 569 -19.59 -6.37 -8.62
N ILE A 570 -19.95 -6.13 -7.37
CA ILE A 570 -20.53 -7.16 -6.51
C ILE A 570 -22.01 -7.35 -6.81
N PRO A 571 -22.84 -6.29 -6.90
CA PRO A 571 -24.26 -6.52 -7.21
C PRO A 571 -24.49 -7.02 -8.63
N LEU A 572 -23.73 -6.50 -9.60
CA LEU A 572 -23.94 -6.89 -10.99
C LEU A 572 -23.64 -8.37 -11.20
N TYR A 573 -22.51 -8.85 -10.66
CA TYR A 573 -22.18 -10.26 -10.81
C TYR A 573 -23.16 -11.13 -10.03
N ALA A 574 -23.64 -10.65 -8.88
CA ALA A 574 -24.64 -11.40 -8.13
C ALA A 574 -25.92 -11.57 -8.94
N MET A 575 -26.38 -10.49 -9.57
CA MET A 575 -27.57 -10.58 -10.42
C MET A 575 -27.34 -11.51 -11.60
N PHE A 576 -26.16 -11.40 -12.22
CA PHE A 576 -25.85 -12.28 -13.36
C PHE A 576 -25.83 -13.74 -12.94
N ARG A 577 -25.32 -14.03 -11.75
CA ARG A 577 -25.24 -15.42 -11.29
C ARG A 577 -26.62 -15.95 -10.91
N LEU A 578 -27.43 -15.15 -10.21
CA LEU A 578 -28.74 -15.63 -9.81
C LEU A 578 -29.77 -15.55 -10.93
N CYS A 579 -29.42 -14.95 -12.08
CA CYS A 579 -30.27 -14.97 -13.25
C CYS A 579 -30.12 -16.23 -14.09
N ARG A 580 -29.22 -17.14 -13.70
CA ARG A 580 -29.02 -18.39 -14.41
C ARG A 580 -28.99 -19.62 -13.50
N THR A 581 -29.07 -19.44 -12.18
CA THR A 581 -29.13 -20.56 -11.27
C THR A 581 -30.55 -21.13 -11.27
N ASP A 582 -30.65 -22.44 -11.53
CA ASP A 582 -31.97 -23.07 -11.67
C ASP A 582 -32.66 -23.16 -10.31
N GLY A 583 -33.87 -22.62 -10.25
CA GLY A 583 -34.64 -22.65 -9.02
C GLY A 583 -36.10 -22.36 -9.28
N ASP A 584 -36.87 -22.33 -8.20
CA ASP A 584 -38.31 -22.08 -8.28
C ASP A 584 -38.69 -20.75 -7.63
N THR A 585 -38.28 -20.52 -6.39
CA THR A 585 -38.58 -19.29 -5.66
C THR A 585 -37.28 -18.53 -5.46
N LEU A 586 -37.35 -17.19 -5.49
CA LEU A 586 -36.16 -16.37 -5.33
C LEU A 586 -35.40 -16.73 -4.05
N LEU A 587 -36.12 -17.06 -2.98
CA LEU A 587 -35.46 -17.50 -1.75
C LEU A 587 -34.72 -18.82 -1.96
N GLN A 588 -35.21 -19.70 -2.83
CA GLN A 588 -34.48 -20.90 -3.20
C GLN A 588 -33.33 -20.60 -4.15
N ARG A 589 -33.51 -19.67 -5.08
CA ARG A 589 -32.40 -19.25 -5.93
C ARG A 589 -31.29 -18.61 -5.10
N LEU A 590 -31.67 -17.82 -4.09
CA LEU A 590 -30.67 -17.29 -3.16
C LEU A 590 -30.07 -18.40 -2.30
N LYS A 591 -30.87 -19.43 -2.00
CA LYS A 591 -30.34 -20.56 -1.23
C LYS A 591 -29.23 -21.27 -1.99
N ASN A 592 -29.41 -21.47 -3.29
CA ASN A 592 -28.34 -21.96 -4.15
C ASN A 592 -27.39 -20.82 -4.48
N ALA A 593 -26.25 -21.17 -5.10
CA ALA A 593 -25.20 -20.22 -5.46
C ALA A 593 -24.63 -19.52 -4.24
N THR A 594 -24.99 -19.97 -3.04
CA THR A 594 -24.42 -19.45 -1.81
C THR A 594 -23.87 -20.57 -0.93
N LYS A 595 -23.96 -21.82 -1.38
CA LYS A 595 -23.36 -22.96 -0.72
C LYS A 595 -22.04 -23.32 -1.39
N PRO A 596 -21.11 -23.91 -0.65
CA PRO A 596 -19.81 -24.27 -1.26
C PRO A 596 -20.01 -25.18 -2.48
N SER A 597 -19.35 -24.80 -3.58
CA SER A 597 -19.37 -25.64 -4.76
C SER A 597 -18.58 -26.92 -4.52
N ARG A 598 -18.78 -27.90 -5.40
CA ARG A 598 -18.11 -29.18 -5.20
C ARG A 598 -16.69 -29.13 -5.73
N ASP A 599 -15.95 -28.09 -5.37
CA ASP A 599 -14.51 -28.02 -5.61
C ASP A 599 -13.79 -27.32 -4.46
N TRP A 600 -14.45 -27.14 -3.33
CA TRP A 600 -13.90 -26.39 -2.20
C TRP A 600 -13.14 -27.36 -1.29
N GLY A 601 -11.84 -27.12 -1.15
CA GLY A 601 -11.01 -27.95 -0.30
C GLY A 601 -9.55 -27.90 -0.70
N PRO A 602 -8.73 -28.71 -0.04
CA PRO A 602 -7.31 -28.78 -0.41
C PRO A 602 -7.13 -29.19 -1.86
N ALA A 603 -6.11 -28.63 -2.50
CA ALA A 603 -5.85 -28.90 -3.91
C ALA A 603 -5.14 -30.21 -4.16
N LEU A 604 -4.57 -30.83 -3.14
CA LEU A 604 -3.86 -32.09 -3.28
C LEU A 604 -4.66 -33.22 -2.64
N LEU A 605 -4.75 -34.35 -3.35
CA LEU A 605 -5.55 -35.48 -2.89
C LEU A 605 -5.01 -36.11 -1.62
N GLU A 606 -3.74 -35.88 -1.27
CA GLU A 606 -3.19 -36.45 -0.04
C GLU A 606 -3.74 -35.76 1.20
N HIS A 607 -4.13 -34.48 1.09
CA HIS A 607 -4.62 -33.74 2.24
C HIS A 607 -6.11 -33.92 2.48
N ARG A 608 -6.88 -34.27 1.45
CA ARG A 608 -8.33 -34.42 1.58
C ARG A 608 -8.63 -35.67 2.40
N THR A 609 -9.05 -35.49 3.64
CA THR A 609 -9.44 -36.60 4.50
C THR A 609 -10.49 -36.12 5.50
N GLY A 610 -11.42 -37.01 5.84
CA GLY A 610 -12.43 -36.70 6.81
C GLY A 610 -13.64 -35.97 6.26
N ARG A 611 -13.83 -34.72 6.69
CA ARG A 611 -15.02 -33.97 6.31
C ARG A 611 -15.05 -33.68 4.81
N TYR A 612 -13.90 -33.29 4.25
CA TYR A 612 -13.83 -32.89 2.84
C TYR A 612 -13.46 -34.07 1.97
N ALA A 613 -14.48 -34.74 1.43
CA ALA A 613 -14.40 -35.77 0.39
C ALA A 613 -13.73 -37.05 0.90
N PRO A 614 -14.07 -38.21 0.33
CA PRO A 614 -13.40 -39.46 0.67
C PRO A 614 -12.19 -39.72 -0.22
#